data_4A0T
#
_entry.id   4A0T
#
_cell.length_a   61.240
_cell.length_b   86.040
_cell.length_c   118.410
_cell.angle_alpha   90.00
_cell.angle_beta   90.00
_cell.angle_gamma   90.00
#
_symmetry.space_group_name_H-M   'P 21 21 21'
#
loop_
_entity.id
_entity.type
_entity.pdbx_description
1 polymer 'TAIL FIBER PROTEIN'
2 non-polymer 'trimethylamine oxide'
3 non-polymer 2-AMINO-2-HYDROXYMETHYL-PROPANE-1,3-DIOL
4 non-polymer 'PENTAETHYLENE GLYCOL'
5 water water
#
_entity_poly.entity_id   1
_entity_poly.type   'polypeptide(L)'
_entity_poly.pdbx_seq_one_letter_code
;MHHHHHHSSGLVPRGSGMKETAAAKFERQHMDSPDLGTDDDDLAMGHVLQLESASDKAHYILSKDGNRNNWYIGRGSDNN
NDCTFHSYVHGTTLTLKQDYAVVNKHFHVGQAVVATDGNIQGTKWGGKWLDAYLRDSFVAKSKAWTQVWSGSAGGGVSVT
VSQDLRFRNIWIKCANNSWNFFRTGPDGIYFIASDGGWLRFQIHSNGLGFKNIADSRSVPNAIMVENE
;
_entity_poly.pdbx_strand_id   A,B,C
#
loop_
_chem_comp.id
_chem_comp.type
_chem_comp.name
_chem_comp.formula
1PE non-polymer 'PENTAETHYLENE GLYCOL' 'C10 H22 O6'
TMO non-polymer 'trimethylamine oxide' 'C3 H9 N O'
TRS non-polymer 2-AMINO-2-HYDROXYMETHYL-PROPANE-1,3-DIOL 'C4 H12 N O3 1'
#
# COMPACT_ATOMS: atom_id res chain seq x y z
N MET A 45 -21.12 -41.03 -22.95
CA MET A 45 -19.67 -41.08 -23.31
C MET A 45 -19.45 -41.03 -24.83
N GLY A 46 -20.48 -41.47 -25.57
CA GLY A 46 -20.53 -41.34 -27.02
C GLY A 46 -20.75 -39.89 -27.47
N HIS A 47 -21.11 -39.02 -26.52
CA HIS A 47 -21.31 -37.59 -26.79
C HIS A 47 -20.24 -36.71 -26.10
N VAL A 48 -19.11 -37.33 -25.78
CA VAL A 48 -17.91 -36.68 -25.24
C VAL A 48 -16.87 -36.91 -26.35
N LEU A 49 -16.05 -35.91 -26.66
CA LEU A 49 -14.90 -36.21 -27.53
C LEU A 49 -13.81 -36.83 -26.62
N GLN A 50 -13.59 -38.13 -26.80
CA GLN A 50 -12.63 -38.89 -25.98
C GLN A 50 -11.26 -38.98 -26.63
N LEU A 51 -10.25 -38.54 -25.89
CA LEU A 51 -8.86 -38.69 -26.29
C LEU A 51 -8.29 -39.75 -25.35
N GLU A 52 -7.73 -40.80 -25.93
CA GLU A 52 -7.22 -41.90 -25.14
C GLU A 52 -5.82 -42.16 -25.60
N SER A 53 -4.94 -42.29 -24.61
CA SER A 53 -3.54 -42.51 -24.86
C SER A 53 -3.13 -43.64 -23.93
N ALA A 54 -1.91 -44.13 -24.13
CA ALA A 54 -1.26 -45.00 -23.16
C ALA A 54 -1.05 -44.27 -21.85
N SER A 55 -1.02 -45.02 -20.76
CA SER A 55 -0.68 -44.44 -19.47
C SER A 55 0.61 -43.58 -19.50
N ASP A 56 0.53 -42.35 -18.95
CA ASP A 56 1.71 -41.44 -18.82
C ASP A 56 2.38 -40.98 -20.09
N LYS A 57 1.61 -40.98 -21.18
CA LYS A 57 2.06 -40.48 -22.48
C LYS A 57 1.29 -39.22 -22.80
N ALA A 58 1.93 -38.30 -23.50
CA ALA A 58 1.31 -37.03 -23.88
C ALA A 58 0.03 -37.25 -24.68
N HIS A 59 -0.92 -36.32 -24.57
CA HIS A 59 -2.05 -36.23 -25.51
C HIS A 59 -2.59 -34.81 -25.48
N TYR A 60 -2.56 -34.18 -26.65
CA TYR A 60 -3.00 -32.82 -26.80
C TYR A 60 -3.63 -32.65 -28.17
N ILE A 61 -4.39 -31.57 -28.29
CA ILE A 61 -4.96 -31.12 -29.53
C ILE A 61 -4.01 -30.08 -30.09
N LEU A 62 -3.53 -30.32 -31.32
CA LEU A 62 -2.60 -29.42 -32.02
C LEU A 62 -3.27 -28.80 -33.24
N SER A 63 -3.22 -27.48 -33.34
CA SER A 63 -3.68 -26.78 -34.54
C SER A 63 -2.49 -26.22 -35.32
N LYS A 64 -2.46 -26.56 -36.61
CA LYS A 64 -1.45 -26.06 -37.55
C LYS A 64 -2.13 -25.26 -38.63
N ASP A 65 -1.56 -24.11 -38.96
CA ASP A 65 -2.00 -23.38 -40.16
C ASP A 65 -0.92 -23.49 -41.23
N GLY A 66 -1.29 -23.99 -42.42
CA GLY A 66 -0.29 -24.42 -43.39
C GLY A 66 0.65 -25.42 -42.73
N ASN A 67 1.95 -25.17 -42.80
CA ASN A 67 2.89 -26.05 -42.12
C ASN A 67 3.23 -25.62 -40.69
N ARG A 68 2.65 -24.49 -40.27
CA ARG A 68 3.04 -23.84 -39.00
C ARG A 68 2.30 -24.39 -37.78
N ASN A 69 3.04 -24.87 -36.78
CA ASN A 69 2.45 -25.15 -35.48
C ASN A 69 1.90 -23.84 -34.95
N ASN A 70 0.62 -23.81 -34.64
CA ASN A 70 -0.03 -22.58 -34.29
C ASN A 70 -0.40 -22.51 -32.81
N TRP A 71 -1.19 -23.48 -32.34
CA TRP A 71 -1.52 -23.56 -30.91
C TRP A 71 -1.81 -25.00 -30.48
N TYR A 72 -1.76 -25.26 -29.18
CA TYR A 72 -2.19 -26.54 -28.67
C TYR A 72 -2.87 -26.43 -27.30
N ILE A 73 -3.68 -27.44 -26.97
CA ILE A 73 -4.19 -27.59 -25.63
C ILE A 73 -4.09 -29.03 -25.17
N GLY A 74 -3.55 -29.21 -23.96
CA GLY A 74 -3.61 -30.49 -23.30
C GLY A 74 -2.32 -30.88 -22.65
N ARG A 75 -2.06 -32.18 -22.63
CA ARG A 75 -0.93 -32.72 -21.87
C ARG A 75 0.21 -32.86 -22.86
N GLY A 76 1.08 -31.83 -22.89
CA GLY A 76 2.08 -31.67 -23.94
C GLY A 76 3.24 -32.67 -23.92
N SER A 77 3.51 -33.26 -22.74
CA SER A 77 4.72 -34.07 -22.57
C SER A 77 4.42 -35.40 -21.89
N ASP A 78 5.29 -36.40 -22.14
CA ASP A 78 5.23 -37.70 -21.48
C ASP A 78 5.63 -37.59 -20.03
N ASN A 79 5.07 -38.48 -19.20
CA ASN A 79 5.46 -38.65 -17.78
C ASN A 79 5.41 -37.29 -17.04
N ASN A 80 4.29 -36.58 -17.21
CA ASN A 80 4.16 -35.17 -16.80
C ASN A 80 2.69 -34.84 -17.01
N ASN A 81 1.99 -34.45 -15.94
CA ASN A 81 0.57 -34.21 -16.04
C ASN A 81 0.16 -32.75 -16.13
N ASP A 82 1.16 -31.88 -16.28
CA ASP A 82 0.88 -30.49 -16.59
C ASP A 82 0.05 -30.38 -17.87
N CYS A 83 -0.96 -29.51 -17.79
CA CYS A 83 -1.87 -29.24 -18.90
C CYS A 83 -1.69 -27.80 -19.34
N THR A 84 -1.58 -27.60 -20.65
CA THR A 84 -1.14 -26.33 -21.23
C THR A 84 -2.08 -25.89 -22.33
N PHE A 85 -2.36 -24.58 -22.36
CA PHE A 85 -2.96 -23.89 -23.48
C PHE A 85 -1.89 -22.93 -23.94
N HIS A 86 -1.38 -23.16 -25.14
CA HIS A 86 -0.18 -22.47 -25.66
C HIS A 86 -0.35 -22.02 -27.11
N SER A 87 0.04 -20.76 -27.39
CA SER A 87 0.26 -20.30 -28.76
C SER A 87 1.73 -20.47 -29.14
N TYR A 88 2.02 -21.31 -30.15
CA TYR A 88 3.37 -21.37 -30.67
C TYR A 88 3.78 -20.06 -31.35
N VAL A 89 2.84 -19.41 -32.02
CA VAL A 89 3.15 -18.20 -32.79
C VAL A 89 3.51 -17.04 -31.83
N HIS A 90 2.68 -16.83 -30.81
CA HIS A 90 2.91 -15.75 -29.87
C HIS A 90 3.95 -16.14 -28.80
N GLY A 91 4.06 -17.44 -28.51
CA GLY A 91 4.91 -17.93 -27.42
C GLY A 91 4.32 -17.55 -26.06
N THR A 92 3.00 -17.60 -25.98
CA THR A 92 2.26 -17.15 -24.81
C THR A 92 1.47 -18.33 -24.33
N THR A 93 1.50 -18.54 -23.02
CA THR A 93 1.14 -19.81 -22.42
C THR A 93 0.42 -19.72 -21.07
N LEU A 94 -0.57 -20.60 -20.88
CA LEU A 94 -1.15 -20.87 -19.59
C LEU A 94 -0.95 -22.36 -19.29
N THR A 95 -0.50 -22.65 -18.06
CA THR A 95 -0.21 -24.02 -17.66
C THR A 95 -0.83 -24.32 -16.31
N LEU A 96 -1.52 -25.46 -16.23
CA LEU A 96 -2.08 -25.94 -14.96
C LEU A 96 -1.10 -26.96 -14.40
N LYS A 97 -0.54 -26.65 -13.24
CA LYS A 97 0.51 -27.50 -12.66
C LYS A 97 0.01 -28.06 -11.34
N GLN A 98 0.83 -28.84 -10.63
CA GLN A 98 0.36 -29.56 -9.46
C GLN A 98 -0.19 -28.65 -8.39
N ASP A 99 0.56 -27.58 -8.10
CA ASP A 99 0.25 -26.71 -6.95
C ASP A 99 -0.12 -25.27 -7.30
N TYR A 100 -0.11 -24.94 -8.59
CA TYR A 100 -0.45 -23.58 -9.04
C TYR A 100 -0.77 -23.59 -10.52
N ALA A 101 -1.42 -22.51 -10.96
CA ALA A 101 -1.53 -22.18 -12.39
C ALA A 101 -0.55 -21.07 -12.73
N VAL A 102 -0.06 -21.05 -13.97
CA VAL A 102 0.94 -20.06 -14.35
C VAL A 102 0.75 -19.56 -15.80
N VAL A 103 0.88 -18.25 -15.99
CA VAL A 103 1.01 -17.67 -17.31
C VAL A 103 2.44 -17.15 -17.39
N ASN A 104 3.01 -17.21 -18.60
CA ASN A 104 4.44 -16.94 -18.81
C ASN A 104 4.78 -15.47 -19.11
N LYS A 105 3.73 -14.62 -19.19
CA LYS A 105 3.90 -13.22 -19.55
C LYS A 105 2.98 -12.40 -18.68
N HIS A 106 3.06 -11.07 -18.80
CA HIS A 106 2.17 -10.18 -18.02
C HIS A 106 0.74 -10.61 -18.26
N PHE A 107 -0.13 -10.36 -17.27
CA PHE A 107 -1.48 -10.91 -17.29
C PHE A 107 -2.42 -9.77 -17.06
N HIS A 108 -3.31 -9.54 -18.02
CA HIS A 108 -4.26 -8.42 -17.95
C HIS A 108 -5.61 -8.91 -17.45
N VAL A 109 -6.26 -8.08 -16.65
CA VAL A 109 -7.58 -8.33 -16.14
C VAL A 109 -8.42 -7.09 -16.55
N GLY A 110 -9.28 -7.23 -17.55
CA GLY A 110 -9.73 -6.05 -18.31
C GLY A 110 -8.52 -5.34 -18.89
N GLN A 111 -8.34 -4.06 -18.51
CA GLN A 111 -7.18 -3.26 -18.92
C GLN A 111 -6.11 -3.16 -17.84
N ALA A 112 -6.42 -3.65 -16.64
CA ALA A 112 -5.44 -3.71 -15.53
C ALA A 112 -4.37 -4.73 -15.89
N VAL A 113 -3.17 -4.57 -15.33
CA VAL A 113 -2.05 -5.43 -15.66
C VAL A 113 -1.37 -5.96 -14.38
N VAL A 114 -1.18 -7.28 -14.31
CA VAL A 114 -0.33 -7.88 -13.28
C VAL A 114 0.97 -8.23 -14.00
N ALA A 115 2.06 -7.56 -13.65
CA ALA A 115 3.29 -7.77 -14.38
C ALA A 115 4.10 -8.93 -13.80
N THR A 116 5.10 -9.43 -14.55
CA THR A 116 5.85 -10.59 -14.13
C THR A 116 6.81 -10.27 -12.98
N ASP A 117 6.95 -8.97 -12.63
CA ASP A 117 7.73 -8.58 -11.43
C ASP A 117 6.83 -8.38 -10.21
N GLY A 118 5.53 -8.62 -10.38
CA GLY A 118 4.59 -8.55 -9.26
C GLY A 118 3.93 -7.19 -9.09
N ASN A 119 4.30 -6.24 -9.94
CA ASN A 119 3.71 -4.90 -9.93
C ASN A 119 2.32 -5.00 -10.53
N ILE A 120 1.48 -4.03 -10.19
CA ILE A 120 0.11 -3.99 -10.73
C ILE A 120 -0.18 -2.60 -11.24
N GLN A 121 -0.82 -2.52 -12.40
CA GLN A 121 -1.27 -1.24 -12.95
C GLN A 121 -2.77 -1.24 -13.14
N GLY A 122 -3.41 -0.13 -12.80
CA GLY A 122 -4.82 -0.06 -13.05
C GLY A 122 -5.40 1.30 -12.72
N THR A 123 -6.69 1.46 -13.01
CA THR A 123 -7.33 2.75 -12.80
C THR A 123 -7.47 3.06 -11.31
N LYS A 124 -7.62 2.04 -10.49
CA LYS A 124 -7.64 2.23 -9.03
C LYS A 124 -6.35 2.90 -8.52
N TRP A 125 -5.23 2.65 -9.18
CA TRP A 125 -3.97 3.28 -8.78
C TRP A 125 -3.71 4.59 -9.53
N GLY A 126 -4.79 5.20 -10.02
CA GLY A 126 -4.72 6.43 -10.79
C GLY A 126 -4.04 6.21 -12.14
N GLY A 127 -4.11 4.98 -12.63
CA GLY A 127 -3.33 4.58 -13.82
C GLY A 127 -1.82 4.42 -13.61
N LYS A 128 -1.35 4.61 -12.38
CA LYS A 128 0.06 4.41 -12.06
C LYS A 128 0.28 2.93 -11.81
N TRP A 129 1.53 2.50 -11.80
CA TRP A 129 1.92 1.20 -11.28
C TRP A 129 1.84 1.30 -9.75
N LEU A 130 1.41 0.25 -9.09
CA LEU A 130 1.24 0.25 -7.63
C LEU A 130 2.50 0.69 -6.86
N ASP A 131 3.68 0.31 -7.34
CA ASP A 131 4.93 0.69 -6.64
C ASP A 131 5.06 2.22 -6.53
N ALA A 132 4.75 2.93 -7.63
CA ALA A 132 4.76 4.38 -7.65
C ALA A 132 3.55 4.96 -6.87
N TYR A 133 2.37 4.35 -7.01
CA TYR A 133 1.19 4.82 -6.24
C TYR A 133 1.49 4.78 -4.72
N LEU A 134 2.10 3.69 -4.29
CA LEU A 134 2.44 3.52 -2.88
C LEU A 134 3.45 4.58 -2.46
N ARG A 135 4.52 4.70 -3.23
CA ARG A 135 5.58 5.65 -2.91
C ARG A 135 5.04 7.08 -2.81
N ASP A 136 4.13 7.43 -3.73
CA ASP A 136 3.55 8.77 -3.80
C ASP A 136 2.47 9.00 -2.77
N SER A 137 1.83 7.93 -2.30
CA SER A 137 0.64 8.08 -1.48
C SER A 137 0.87 7.97 0.01
N PHE A 138 1.97 7.35 0.42
CA PHE A 138 2.14 6.99 1.83
C PHE A 138 3.49 7.43 2.35
N VAL A 139 3.53 7.77 3.65
CA VAL A 139 4.74 8.29 4.30
C VAL A 139 5.73 7.14 4.47
N ALA A 140 6.96 7.37 4.00
CA ALA A 140 8.06 6.43 4.10
C ALA A 140 8.48 6.26 5.56
N LYS A 141 8.59 4.99 5.97
CA LYS A 141 9.22 4.65 7.23
C LYS A 141 10.74 4.50 7.03
N SER A 142 11.42 5.63 6.84
CA SER A 142 12.82 5.61 6.41
C SER A 142 13.78 5.45 7.58
N LYS A 143 13.34 5.92 8.76
CA LYS A 143 14.19 6.08 9.97
C LYS A 143 15.60 6.55 9.64
N ALA A 144 15.68 7.64 8.87
CA ALA A 144 16.94 8.22 8.55
C ALA A 144 16.69 9.68 8.27
N TRP A 145 17.72 10.50 8.48
CA TRP A 145 17.60 11.93 8.23
C TRP A 145 18.78 12.50 7.44
N THR A 146 18.60 13.70 6.88
CA THR A 146 19.63 14.32 6.05
C THR A 146 19.71 15.80 6.40
N GLN A 147 20.92 16.33 6.43
CA GLN A 147 21.08 17.75 6.68
C GLN A 147 20.72 18.55 5.43
N VAL A 148 19.85 19.54 5.59
CA VAL A 148 19.44 20.37 4.41
C VAL A 148 20.02 21.78 4.45
N TRP A 149 20.60 22.15 5.59
CA TRP A 149 21.24 23.46 5.72
C TRP A 149 22.15 23.48 6.96
N SER A 150 23.23 24.23 6.86
CA SER A 150 24.19 24.43 7.94
C SER A 150 24.66 25.88 7.82
N GLY A 151 24.68 26.63 8.91
CA GLY A 151 25.20 28.01 8.85
C GLY A 151 24.86 28.77 10.11
N SER A 152 24.44 30.02 9.96
CA SER A 152 23.96 30.77 11.11
C SER A 152 23.04 31.85 10.62
N ALA A 153 21.77 31.75 10.98
CA ALA A 153 20.74 32.69 10.50
C ALA A 153 20.12 33.42 11.67
N GLY A 154 20.61 34.62 11.90
CA GLY A 154 20.07 35.47 12.96
C GLY A 154 18.80 36.16 12.51
N GLY A 155 18.27 37.03 13.37
CA GLY A 155 16.96 37.63 13.13
C GLY A 155 16.93 38.38 11.82
N GLY A 156 15.91 38.11 11.01
CA GLY A 156 15.81 38.74 9.70
C GLY A 156 16.56 38.05 8.57
N VAL A 157 17.38 37.05 8.88
CA VAL A 157 18.23 36.39 7.86
C VAL A 157 17.55 35.20 7.18
N SER A 158 17.62 35.14 5.83
CA SER A 158 16.99 34.09 5.05
C SER A 158 18.04 33.26 4.32
N VAL A 159 17.79 31.95 4.19
CA VAL A 159 18.78 31.02 3.61
C VAL A 159 18.07 30.07 2.70
N THR A 160 18.81 29.52 1.75
CA THR A 160 18.29 28.47 0.90
C THR A 160 18.60 27.09 1.48
N VAL A 161 17.59 26.24 1.50
CA VAL A 161 17.71 24.85 1.96
C VAL A 161 17.65 23.91 0.75
N SER A 162 18.22 22.73 0.93
CA SER A 162 18.51 21.85 -0.21
C SER A 162 17.32 20.95 -0.65
N GLN A 163 16.20 21.04 0.07
CA GLN A 163 15.01 20.23 -0.20
C GLN A 163 13.80 21.10 0.09
N ASP A 164 12.68 20.76 -0.54
CA ASP A 164 11.38 21.37 -0.29
C ASP A 164 10.95 20.98 1.13
N LEU A 165 10.90 21.96 2.04
CA LEU A 165 10.65 21.61 3.45
C LEU A 165 9.18 21.67 3.84
N ARG A 166 8.28 21.80 2.88
CA ARG A 166 6.84 21.80 3.17
C ARG A 166 6.34 20.39 3.53
N PHE A 167 5.51 20.32 4.55
CA PHE A 167 5.02 19.01 5.03
C PHE A 167 6.16 18.01 5.20
N ARG A 168 7.19 18.44 5.94
CA ARG A 168 8.28 17.56 6.29
C ARG A 168 8.48 17.52 7.80
N ASN A 169 9.07 16.43 8.28
CA ASN A 169 9.65 16.38 9.61
C ASN A 169 11.05 16.97 9.62
N ILE A 170 11.23 18.02 10.39
CA ILE A 170 12.53 18.67 10.49
C ILE A 170 13.00 18.81 11.94
N TRP A 171 14.31 18.98 12.08
CA TRP A 171 14.89 19.25 13.39
C TRP A 171 15.80 20.45 13.22
N ILE A 172 15.59 21.47 14.05
CA ILE A 172 16.38 22.69 13.96
C ILE A 172 17.30 22.68 15.17
N LYS A 173 18.60 22.89 14.96
CA LYS A 173 19.58 23.10 16.04
C LYS A 173 19.80 24.58 16.24
N CYS A 174 19.53 25.04 17.46
CA CYS A 174 19.80 26.43 17.85
C CYS A 174 20.86 26.43 18.97
N ALA A 175 20.48 26.85 20.19
CA ALA A 175 21.46 26.94 21.31
C ALA A 175 21.65 25.59 21.94
N ASN A 176 22.76 25.41 22.65
CA ASN A 176 22.98 24.23 23.50
C ASN A 176 23.10 22.86 22.80
N ASN A 177 23.44 22.88 21.51
CA ASN A 177 23.74 21.66 20.74
C ASN A 177 22.65 20.58 20.72
N SER A 178 21.39 21.02 20.71
CA SER A 178 20.28 20.07 20.77
C SER A 178 19.40 20.25 19.54
N TRP A 179 18.64 19.21 19.24
CA TRP A 179 17.71 19.27 18.11
C TRP A 179 16.29 19.57 18.58
N ASN A 180 15.67 20.57 17.95
CA ASN A 180 14.27 20.92 18.21
C ASN A 180 13.37 20.44 17.06
N PHE A 181 12.42 19.54 17.35
CA PHE A 181 11.57 18.97 16.31
C PHE A 181 10.50 19.94 15.83
N PHE A 182 10.19 19.89 14.55
CA PHE A 182 9.01 20.60 14.04
C PHE A 182 8.48 19.87 12.81
N ARG A 183 7.16 19.79 12.70
CA ARG A 183 6.61 19.38 11.42
C ARG A 183 5.96 20.58 10.73
N THR A 184 6.42 20.86 9.52
CA THR A 184 5.92 22.00 8.78
C THR A 184 4.63 21.69 8.02
N GLY A 185 3.87 22.73 7.70
CA GLY A 185 2.83 22.64 6.69
C GLY A 185 3.32 23.23 5.38
N PRO A 186 2.49 24.04 4.70
CA PRO A 186 2.95 24.66 3.43
C PRO A 186 3.86 25.88 3.73
N ASP A 187 4.16 26.71 2.71
CA ASP A 187 4.90 27.95 2.95
C ASP A 187 4.12 28.73 4.00
N GLY A 188 4.81 29.34 4.96
CA GLY A 188 4.10 30.08 5.99
C GLY A 188 5.01 30.44 7.17
N ILE A 189 4.41 31.01 8.20
CA ILE A 189 5.10 31.48 9.41
C ILE A 189 4.82 30.51 10.54
N TYR A 190 5.89 30.07 11.20
CA TYR A 190 5.81 29.01 12.21
C TYR A 190 6.56 29.45 13.45
N PHE A 191 6.30 28.81 14.60
CA PHE A 191 6.95 29.24 15.84
C PHE A 191 7.38 28.01 16.61
N ILE A 192 8.58 28.04 17.19
CA ILE A 192 9.02 26.93 18.03
C ILE A 192 9.79 27.53 19.19
N ALA A 193 9.44 27.12 20.41
CA ALA A 193 10.17 27.52 21.63
C ALA A 193 11.44 26.67 21.74
N SER A 194 12.33 26.88 20.78
CA SER A 194 13.56 26.10 20.62
C SER A 194 14.60 26.42 21.71
N ASP A 195 15.54 25.49 21.93
CA ASP A 195 16.57 25.59 22.97
C ASP A 195 17.25 26.96 22.88
N GLY A 196 17.26 27.69 24.01
CA GLY A 196 17.80 29.05 24.04
C GLY A 196 16.71 30.08 24.35
N GLY A 197 15.49 29.86 23.84
CA GLY A 197 14.38 30.77 24.06
C GLY A 197 13.27 30.43 23.09
N TRP A 198 13.30 31.05 21.92
CA TRP A 198 12.31 30.73 20.89
C TRP A 198 12.76 31.23 19.53
N LEU A 199 12.13 30.68 18.50
CA LEU A 199 12.39 31.07 17.14
C LEU A 199 11.05 31.13 16.37
N ARG A 200 10.81 32.26 15.74
CA ARG A 200 9.69 32.39 14.78
C ARG A 200 10.35 32.36 13.40
N PHE A 201 9.92 31.41 12.57
CA PHE A 201 10.56 31.19 11.29
C PHE A 201 9.57 31.11 10.16
N GLN A 202 10.07 31.30 8.95
CA GLN A 202 9.20 31.26 7.77
C GLN A 202 9.74 30.26 6.76
N ILE A 203 8.86 29.41 6.28
CA ILE A 203 9.16 28.55 5.16
C ILE A 203 8.61 29.34 3.93
N HIS A 204 9.46 29.58 2.93
CA HIS A 204 9.00 30.40 1.77
C HIS A 204 9.56 29.82 0.49
N SER A 205 9.26 30.45 -0.66
CA SER A 205 9.84 30.03 -1.93
C SER A 205 9.58 28.55 -2.26
N ASN A 206 8.34 28.09 -2.06
CA ASN A 206 7.96 26.69 -2.34
C ASN A 206 8.83 25.70 -1.58
N GLY A 207 9.00 25.99 -0.29
CA GLY A 207 9.73 25.12 0.63
C GLY A 207 11.25 25.20 0.59
N LEU A 208 11.81 26.05 -0.27
CA LEU A 208 13.27 26.15 -0.46
C LEU A 208 13.92 27.32 0.26
N GLY A 209 13.11 28.08 0.98
CA GLY A 209 13.56 29.24 1.73
C GLY A 209 13.26 29.03 3.20
N PHE A 210 14.23 29.37 4.04
CA PHE A 210 14.05 29.33 5.48
C PHE A 210 14.52 30.66 6.02
N LYS A 211 13.63 31.38 6.69
CA LYS A 211 13.98 32.73 7.17
C LYS A 211 13.75 32.77 8.67
N ASN A 212 14.75 33.22 9.41
CA ASN A 212 14.53 33.59 10.80
C ASN A 212 13.79 34.94 10.84
N ILE A 213 12.50 34.91 11.19
CA ILE A 213 11.74 36.15 11.38
C ILE A 213 12.26 36.88 12.62
N ALA A 214 12.24 36.20 13.77
CA ALA A 214 12.82 36.73 15.00
C ALA A 214 13.20 35.55 15.89
N ASP A 215 14.17 35.72 16.77
CA ASP A 215 14.45 34.70 17.78
C ASP A 215 14.78 35.35 19.08
N SER A 216 14.69 34.60 20.16
CA SER A 216 15.20 35.06 21.44
C SER A 216 16.29 34.07 21.84
N ARG A 217 17.54 34.48 21.70
CA ARG A 217 18.68 33.65 22.11
C ARG A 217 18.63 32.23 21.54
N SER A 218 18.08 32.07 20.34
CA SER A 218 17.91 30.74 19.75
C SER A 218 18.14 30.84 18.26
N VAL A 219 19.40 31.05 17.89
CA VAL A 219 19.78 31.26 16.49
C VAL A 219 19.99 29.92 15.76
N PRO A 220 19.19 29.65 14.69
CA PRO A 220 19.37 28.38 14.00
C PRO A 220 20.74 28.26 13.29
N ASN A 221 21.35 27.09 13.41
CA ASN A 221 22.62 26.84 12.75
C ASN A 221 22.66 25.56 11.93
N ALA A 222 21.64 24.73 12.07
CA ALA A 222 21.53 23.51 11.22
C ALA A 222 20.11 23.00 11.19
N ILE A 223 19.75 22.36 10.08
CA ILE A 223 18.43 21.75 9.95
C ILE A 223 18.59 20.37 9.32
N MET A 224 17.98 19.37 9.96
CA MET A 224 17.89 18.03 9.42
C MET A 224 16.47 17.82 8.93
N VAL A 225 16.29 16.96 7.95
CA VAL A 225 14.95 16.56 7.51
C VAL A 225 14.86 15.02 7.48
N GLU A 226 13.68 14.49 7.80
CA GLU A 226 13.47 13.05 7.72
C GLU A 226 13.37 12.62 6.26
N ASN A 227 14.10 11.56 5.94
CA ASN A 227 14.15 11.07 4.57
C ASN A 227 12.79 10.61 4.10
N GLU A 228 12.49 10.98 2.86
CA GLU A 228 11.29 10.47 2.19
C GLU A 228 11.63 9.27 1.30
N HIS B 47 -1.49 -39.91 -30.15
CA HIS B 47 -1.17 -38.97 -29.03
C HIS B 47 -1.30 -37.46 -29.39
N VAL B 48 -1.86 -37.18 -30.58
CA VAL B 48 -2.20 -35.83 -31.02
C VAL B 48 -3.48 -35.86 -31.82
N LEU B 49 -4.45 -35.03 -31.45
CA LEU B 49 -5.60 -34.72 -32.28
C LEU B 49 -5.18 -33.53 -33.14
N GLN B 50 -5.02 -33.80 -34.43
CA GLN B 50 -4.36 -32.87 -35.33
C GLN B 50 -5.41 -32.03 -36.09
N LEU B 51 -5.45 -30.73 -35.84
CA LEU B 51 -6.33 -29.85 -36.58
C LEU B 51 -5.52 -29.09 -37.63
N GLU B 52 -6.01 -29.04 -38.87
CA GLU B 52 -5.25 -28.39 -39.96
C GLU B 52 -6.08 -27.43 -40.79
N SER B 53 -5.53 -26.24 -41.01
CA SER B 53 -6.17 -25.22 -41.83
C SER B 53 -5.11 -24.71 -42.80
N ALA B 54 -5.51 -23.88 -43.76
CA ALA B 54 -4.57 -23.22 -44.65
C ALA B 54 -3.84 -22.13 -43.84
N SER B 55 -2.69 -21.67 -44.32
CA SER B 55 -1.95 -20.59 -43.65
C SER B 55 -2.81 -19.38 -43.33
N ASP B 56 -2.70 -18.91 -42.08
CA ASP B 56 -3.41 -17.71 -41.61
C ASP B 56 -4.93 -17.74 -41.69
N LYS B 57 -5.52 -18.94 -41.68
CA LYS B 57 -6.96 -19.05 -41.57
C LYS B 57 -7.34 -19.53 -40.18
N ALA B 58 -8.49 -19.06 -39.71
CA ALA B 58 -9.04 -19.44 -38.39
C ALA B 58 -9.15 -20.95 -38.25
N HIS B 59 -9.03 -21.44 -37.03
CA HIS B 59 -9.40 -22.82 -36.74
C HIS B 59 -9.63 -22.96 -35.26
N TYR B 60 -10.87 -23.31 -34.93
CA TYR B 60 -11.26 -23.38 -33.54
C TYR B 60 -12.28 -24.46 -33.36
N ILE B 61 -12.45 -24.85 -32.11
CA ILE B 61 -13.43 -25.86 -31.70
C ILE B 61 -14.61 -25.05 -31.21
N LEU B 62 -15.80 -25.41 -31.66
CA LEU B 62 -16.98 -24.65 -31.30
C LEU B 62 -17.99 -25.62 -30.75
N SER B 63 -18.54 -25.31 -29.57
CA SER B 63 -19.63 -26.09 -29.00
C SER B 63 -20.94 -25.27 -29.03
N LYS B 64 -21.97 -25.88 -29.62
CA LYS B 64 -23.34 -25.38 -29.59
C LYS B 64 -24.23 -26.35 -28.81
N ASP B 65 -25.05 -25.81 -27.88
CA ASP B 65 -26.10 -26.59 -27.24
C ASP B 65 -27.44 -26.16 -27.87
N GLY B 66 -28.18 -27.13 -28.41
CA GLY B 66 -29.34 -26.79 -29.28
C GLY B 66 -28.81 -25.99 -30.45
N ASN B 67 -29.46 -24.88 -30.75
CA ASN B 67 -28.92 -23.99 -31.77
C ASN B 67 -28.06 -22.86 -31.19
N ARG B 68 -27.75 -22.93 -29.89
CA ARG B 68 -27.04 -21.81 -29.26
C ARG B 68 -25.51 -21.97 -29.28
N ASN B 69 -24.82 -20.95 -29.78
CA ASN B 69 -23.36 -20.91 -29.66
C ASN B 69 -22.98 -20.86 -28.18
N ASN B 70 -22.27 -21.88 -27.69
CA ASN B 70 -22.01 -21.96 -26.27
C ASN B 70 -20.59 -21.54 -25.83
N TRP B 71 -19.58 -22.19 -26.38
CA TRP B 71 -18.20 -21.84 -26.07
C TRP B 71 -17.33 -22.20 -27.25
N TYR B 72 -16.13 -21.64 -27.29
CA TYR B 72 -15.14 -22.09 -28.26
C TYR B 72 -13.73 -22.02 -27.72
N ILE B 73 -12.80 -22.74 -28.35
CA ILE B 73 -11.42 -22.53 -28.03
C ILE B 73 -10.61 -22.60 -29.31
N GLY B 74 -9.60 -21.72 -29.43
CA GLY B 74 -8.67 -21.78 -30.54
C GLY B 74 -8.44 -20.47 -31.23
N ARG B 75 -8.08 -20.54 -32.51
CA ARG B 75 -7.72 -19.39 -33.30
C ARG B 75 -8.99 -18.94 -34.01
N GLY B 76 -9.66 -17.94 -33.41
CA GLY B 76 -11.02 -17.57 -33.78
C GLY B 76 -11.15 -16.75 -35.07
N SER B 77 -10.06 -16.17 -35.57
CA SER B 77 -10.11 -15.24 -36.72
C SER B 77 -9.00 -15.50 -37.75
N ASP B 78 -9.28 -15.22 -39.03
CA ASP B 78 -8.25 -15.29 -40.08
C ASP B 78 -7.23 -14.21 -39.80
N ASN B 79 -5.98 -14.40 -40.24
CA ASN B 79 -4.94 -13.36 -40.17
C ASN B 79 -4.78 -12.74 -38.76
N ASN B 80 -4.82 -13.60 -37.74
CA ASN B 80 -4.82 -13.19 -36.36
C ASN B 80 -4.45 -14.47 -35.61
N ASN B 81 -3.33 -14.44 -34.90
CA ASN B 81 -2.87 -15.63 -34.20
C ASN B 81 -3.21 -15.67 -32.70
N ASP B 82 -4.03 -14.73 -32.25
CA ASP B 82 -4.53 -14.81 -30.89
C ASP B 82 -5.35 -16.08 -30.73
N CYS B 83 -5.17 -16.72 -29.57
CA CYS B 83 -5.83 -17.97 -29.23
C CYS B 83 -6.74 -17.69 -28.06
N THR B 84 -7.99 -18.10 -28.17
CA THR B 84 -9.04 -17.69 -27.24
C THR B 84 -9.75 -18.90 -26.66
N PHE B 85 -10.10 -18.81 -25.38
CA PHE B 85 -11.04 -19.75 -24.72
C PHE B 85 -12.20 -18.85 -24.27
N HIS B 86 -13.39 -19.06 -24.81
CA HIS B 86 -14.48 -18.07 -24.71
C HIS B 86 -15.82 -18.75 -24.45
N SER B 87 -16.59 -18.20 -23.49
CA SER B 87 -17.98 -18.59 -23.33
C SER B 87 -18.85 -17.53 -23.99
N TYR B 88 -19.57 -17.92 -25.05
CA TYR B 88 -20.52 -17.01 -25.67
C TYR B 88 -21.66 -16.67 -24.70
N VAL B 89 -22.08 -17.64 -23.89
CA VAL B 89 -23.24 -17.46 -22.98
C VAL B 89 -22.90 -16.47 -21.85
N HIS B 90 -21.72 -16.67 -21.26
CA HIS B 90 -21.22 -15.80 -20.19
C HIS B 90 -20.63 -14.50 -20.72
N GLY B 91 -20.09 -14.53 -21.94
CA GLY B 91 -19.32 -13.41 -22.49
C GLY B 91 -18.01 -13.25 -21.72
N THR B 92 -17.43 -14.37 -21.30
CA THR B 92 -16.23 -14.37 -20.41
C THR B 92 -15.11 -15.12 -21.15
N THR B 93 -13.93 -14.50 -21.18
CA THR B 93 -12.90 -14.85 -22.12
C THR B 93 -11.49 -14.85 -21.55
N LEU B 94 -10.68 -15.83 -22.00
CA LEU B 94 -9.25 -15.80 -21.82
C LEU B 94 -8.63 -15.78 -23.22
N THR B 95 -7.69 -14.88 -23.43
CA THR B 95 -7.00 -14.77 -24.71
C THR B 95 -5.49 -14.79 -24.56
N LEU B 96 -4.82 -15.56 -25.40
CA LEU B 96 -3.37 -15.56 -25.45
C LEU B 96 -3.01 -14.65 -26.60
N LYS B 97 -2.31 -13.56 -26.29
CA LYS B 97 -1.96 -12.55 -27.27
C LYS B 97 -0.46 -12.46 -27.38
N GLN B 98 0.05 -11.55 -28.20
CA GLN B 98 1.48 -11.57 -28.51
C GLN B 98 2.41 -11.36 -27.32
N ASP B 99 2.06 -10.38 -26.49
CA ASP B 99 2.96 -9.94 -25.40
C ASP B 99 2.35 -10.07 -24.01
N TYR B 100 1.14 -10.64 -23.94
CA TYR B 100 0.48 -10.91 -22.68
C TYR B 100 -0.67 -11.87 -22.86
N ALA B 101 -1.17 -12.41 -21.74
CA ALA B 101 -2.49 -13.05 -21.68
C ALA B 101 -3.47 -12.14 -20.98
N VAL B 102 -4.74 -12.27 -21.32
CA VAL B 102 -5.77 -11.38 -20.78
C VAL B 102 -7.06 -12.15 -20.49
N VAL B 103 -7.73 -11.79 -19.40
CA VAL B 103 -9.11 -12.19 -19.22
C VAL B 103 -9.91 -10.91 -19.15
N ASN B 104 -11.18 -10.96 -19.57
CA ASN B 104 -11.93 -9.74 -19.85
C ASN B 104 -12.82 -9.30 -18.70
N LYS B 105 -12.77 -10.03 -17.58
CA LYS B 105 -13.59 -9.73 -16.39
C LYS B 105 -12.67 -9.90 -15.19
N HIS B 106 -13.18 -9.60 -14.00
CA HIS B 106 -12.43 -9.85 -12.74
C HIS B 106 -11.89 -11.29 -12.69
N PHE B 107 -10.75 -11.44 -12.01
CA PHE B 107 -10.04 -12.71 -12.01
C PHE B 107 -9.86 -13.23 -10.57
N HIS B 108 -10.44 -14.38 -10.25
CA HIS B 108 -10.29 -14.94 -8.91
C HIS B 108 -9.14 -15.93 -8.83
N VAL B 109 -8.47 -15.91 -7.69
CA VAL B 109 -7.39 -16.84 -7.35
C VAL B 109 -7.81 -17.49 -6.03
N GLY B 110 -8.35 -18.71 -6.12
CA GLY B 110 -9.08 -19.30 -5.00
C GLY B 110 -10.29 -18.41 -4.85
N GLN B 111 -10.42 -17.76 -3.69
CA GLN B 111 -11.46 -16.73 -3.55
C GLN B 111 -10.93 -15.29 -3.56
N ALA B 112 -9.61 -15.12 -3.65
CA ALA B 112 -9.06 -13.76 -3.77
C ALA B 112 -9.47 -13.25 -5.14
N VAL B 113 -9.58 -11.94 -5.26
CA VAL B 113 -10.02 -11.32 -6.50
C VAL B 113 -9.01 -10.30 -7.00
N VAL B 114 -8.63 -10.42 -8.28
CA VAL B 114 -7.95 -9.32 -8.95
C VAL B 114 -8.99 -8.67 -9.83
N ALA B 115 -9.28 -7.38 -9.58
CA ALA B 115 -10.35 -6.69 -10.29
C ALA B 115 -9.86 -5.98 -11.56
N THR B 116 -10.79 -5.62 -12.45
CA THR B 116 -10.41 -4.96 -13.72
C THR B 116 -9.87 -3.52 -13.59
N ASP B 117 -10.03 -2.93 -12.39
CA ASP B 117 -9.43 -1.63 -12.04
C ASP B 117 -8.04 -1.75 -11.33
N GLY B 118 -7.60 -2.99 -11.12
CA GLY B 118 -6.29 -3.27 -10.56
C GLY B 118 -6.32 -3.46 -9.05
N ASN B 119 -7.52 -3.35 -8.46
CA ASN B 119 -7.68 -3.57 -7.03
C ASN B 119 -7.59 -5.07 -6.70
N ILE B 120 -7.20 -5.41 -5.48
CA ILE B 120 -7.06 -6.80 -5.06
C ILE B 120 -7.85 -6.99 -3.78
N GLN B 121 -8.60 -8.09 -3.67
CA GLN B 121 -9.28 -8.41 -2.44
C GLN B 121 -8.83 -9.80 -1.94
N GLY B 122 -8.65 -9.96 -0.63
CA GLY B 122 -8.39 -11.31 -0.13
C GLY B 122 -8.28 -11.30 1.37
N THR B 123 -8.10 -12.49 1.95
CA THR B 123 -7.98 -12.64 3.41
C THR B 123 -6.75 -11.96 4.02
N LYS B 124 -5.65 -11.92 3.28
CA LYS B 124 -4.47 -11.23 3.75
C LYS B 124 -4.73 -9.74 4.05
N TRP B 125 -5.66 -9.14 3.31
CA TRP B 125 -6.00 -7.72 3.49
C TRP B 125 -7.18 -7.58 4.44
N GLY B 126 -7.37 -8.58 5.29
CA GLY B 126 -8.47 -8.59 6.23
C GLY B 126 -9.84 -8.66 5.56
N GLY B 127 -9.89 -9.20 4.34
CA GLY B 127 -11.16 -9.21 3.58
C GLY B 127 -11.50 -7.90 2.85
N LYS B 128 -10.71 -6.86 3.12
CA LYS B 128 -10.89 -5.57 2.44
C LYS B 128 -10.30 -5.63 1.05
N TRP B 129 -10.72 -4.71 0.19
CA TRP B 129 -9.98 -4.43 -1.03
C TRP B 129 -8.69 -3.74 -0.60
N LEU B 130 -7.62 -3.99 -1.35
CA LEU B 130 -6.30 -3.44 -1.06
C LEU B 130 -6.33 -1.93 -0.95
N ASP B 131 -7.09 -1.24 -1.81
CA ASP B 131 -7.09 0.22 -1.75
C ASP B 131 -7.51 0.69 -0.35
N ALA B 132 -8.50 0.03 0.24
CA ALA B 132 -9.00 0.39 1.59
C ALA B 132 -8.04 -0.06 2.66
N TYR B 133 -7.50 -1.28 2.51
CA TYR B 133 -6.50 -1.77 3.47
C TYR B 133 -5.34 -0.75 3.56
N LEU B 134 -4.89 -0.25 2.40
CA LEU B 134 -3.76 0.71 2.38
C LEU B 134 -4.15 2.00 3.10
N ARG B 135 -5.31 2.54 2.73
CA ARG B 135 -5.82 3.81 3.30
C ARG B 135 -5.94 3.72 4.82
N ASP B 136 -6.40 2.57 5.30
CA ASP B 136 -6.65 2.37 6.73
C ASP B 136 -5.35 2.07 7.47
N SER B 137 -4.37 1.54 6.77
CA SER B 137 -3.19 0.94 7.41
C SER B 137 -2.00 1.88 7.52
N PHE B 138 -1.91 2.81 6.58
CA PHE B 138 -0.69 3.60 6.42
C PHE B 138 -1.00 5.08 6.35
N VAL B 139 -0.09 5.88 6.90
CA VAL B 139 -0.28 7.34 6.99
C VAL B 139 -0.16 7.93 5.57
N ALA B 140 -1.16 8.72 5.19
CA ALA B 140 -1.17 9.36 3.86
C ALA B 140 -0.11 10.47 3.75
N LYS B 141 0.61 10.47 2.63
CA LYS B 141 1.52 11.56 2.28
C LYS B 141 0.71 12.57 1.43
N SER B 142 -0.20 13.30 2.08
CA SER B 142 -1.09 14.21 1.38
C SER B 142 -0.43 15.54 1.04
N LYS B 143 0.52 15.95 1.88
CA LYS B 143 1.13 17.31 1.83
C LYS B 143 0.05 18.37 1.56
N ALA B 144 -1.04 18.28 2.32
CA ALA B 144 -2.12 19.28 2.30
C ALA B 144 -2.71 19.35 3.69
N TRP B 145 -3.25 20.53 4.01
CA TRP B 145 -3.93 20.71 5.26
C TRP B 145 -5.29 21.39 5.08
N THR B 146 -6.10 21.27 6.12
CA THR B 146 -7.47 21.79 6.16
C THR B 146 -7.73 22.52 7.46
N GLN B 147 -8.37 23.68 7.37
CA GLN B 147 -8.78 24.36 8.58
C GLN B 147 -10.00 23.68 9.18
N VAL B 148 -9.87 23.21 10.43
CA VAL B 148 -10.98 22.56 11.12
C VAL B 148 -11.73 23.48 12.05
N TRP B 149 -11.13 24.64 12.35
CA TRP B 149 -11.74 25.55 13.33
C TRP B 149 -11.11 26.92 13.23
N SER B 150 -11.97 27.93 13.45
CA SER B 150 -11.55 29.31 13.50
C SER B 150 -12.42 30.00 14.55
N GLY B 151 -11.81 30.87 15.34
CA GLY B 151 -12.57 31.68 16.30
C GLY B 151 -11.68 32.23 17.37
N SER B 152 -12.12 32.14 18.61
CA SER B 152 -11.26 32.50 19.74
C SER B 152 -11.64 31.62 20.91
N ALA B 153 -10.66 30.91 21.45
CA ALA B 153 -10.94 30.00 22.56
C ALA B 153 -10.06 30.33 23.73
N GLY B 154 -10.55 31.22 24.59
CA GLY B 154 -9.83 31.58 25.81
C GLY B 154 -9.87 30.52 26.89
N GLY B 155 -9.24 30.82 28.03
CA GLY B 155 -9.12 29.85 29.13
C GLY B 155 -10.48 29.30 29.53
N GLY B 156 -10.60 27.98 29.55
CA GLY B 156 -11.85 27.31 29.95
C GLY B 156 -12.82 27.05 28.81
N VAL B 157 -12.56 27.62 27.63
CA VAL B 157 -13.50 27.52 26.50
C VAL B 157 -13.20 26.26 25.71
N SER B 158 -14.25 25.48 25.46
CA SER B 158 -14.20 24.28 24.61
C SER B 158 -14.92 24.54 23.28
N VAL B 159 -14.29 24.15 22.16
CA VAL B 159 -14.92 24.25 20.86
C VAL B 159 -15.03 22.85 20.24
N THR B 160 -15.71 22.76 19.08
CA THR B 160 -16.07 21.47 18.54
C THR B 160 -15.82 21.49 17.05
N VAL B 161 -15.18 20.43 16.59
CA VAL B 161 -14.85 20.28 15.18
C VAL B 161 -15.51 19.02 14.60
N SER B 162 -15.48 18.88 13.26
CA SER B 162 -16.17 17.77 12.62
C SER B 162 -15.16 16.73 12.14
N GLN B 163 -13.88 16.89 12.44
CA GLN B 163 -12.89 15.83 12.21
C GLN B 163 -12.38 15.30 13.55
N ASP B 164 -12.09 14.00 13.62
CA ASP B 164 -11.52 13.38 14.81
C ASP B 164 -10.03 13.82 14.88
N LEU B 165 -9.72 14.66 15.88
CA LEU B 165 -8.38 15.21 16.06
C LEU B 165 -7.35 14.29 16.75
N ARG B 166 -7.73 13.05 17.06
CA ARG B 166 -6.82 12.14 17.78
C ARG B 166 -5.78 11.53 16.82
N PHE B 167 -4.52 11.49 17.25
CA PHE B 167 -3.44 10.95 16.42
C PHE B 167 -3.41 11.62 15.04
N ARG B 168 -3.40 12.95 15.10
CA ARG B 168 -3.38 13.81 13.93
C ARG B 168 -2.24 14.80 14.05
N ASN B 169 -1.76 15.28 12.90
CA ASN B 169 -0.84 16.40 12.87
C ASN B 169 -1.70 17.64 12.78
N ILE B 170 -1.57 18.51 13.80
CA ILE B 170 -2.28 19.79 13.82
C ILE B 170 -1.35 21.00 13.97
N TRP B 171 -1.83 22.17 13.57
CA TRP B 171 -1.09 23.41 13.79
C TRP B 171 -2.09 24.36 14.41
N ILE B 172 -1.70 24.98 15.52
CA ILE B 172 -2.58 25.92 16.22
C ILE B 172 -2.01 27.31 16.07
N LYS B 173 -2.87 28.27 15.71
CA LYS B 173 -2.47 29.67 15.63
C LYS B 173 -2.94 30.38 16.89
N CYS B 174 -1.99 30.98 17.59
CA CYS B 174 -2.28 31.75 18.79
C CYS B 174 -1.83 33.20 18.56
N ALA B 175 -0.86 33.69 19.34
CA ALA B 175 -0.33 35.06 19.09
C ALA B 175 0.64 35.19 17.90
N ASN B 176 0.75 36.41 17.35
CA ASN B 176 1.82 36.75 16.38
C ASN B 176 1.74 36.08 14.99
N ASN B 177 0.53 35.63 14.64
CA ASN B 177 0.22 35.12 13.30
C ASN B 177 1.12 33.95 12.83
N SER B 178 1.52 33.11 13.78
CA SER B 178 2.33 31.95 13.48
C SER B 178 1.57 30.62 13.70
N TRP B 179 2.05 29.55 13.07
CA TRP B 179 1.49 28.22 13.30
C TRP B 179 2.37 27.44 14.27
N ASN B 180 1.73 26.86 15.30
CA ASN B 180 2.44 26.06 16.32
C ASN B 180 2.11 24.59 16.12
N PHE B 181 3.09 23.78 15.76
CA PHE B 181 2.80 22.36 15.46
C PHE B 181 2.56 21.46 16.69
N PHE B 182 1.70 20.46 16.54
CA PHE B 182 1.55 19.47 17.57
C PHE B 182 0.98 18.20 16.95
N ARG B 183 1.42 17.06 17.47
CA ARG B 183 0.75 15.80 17.14
C ARG B 183 0.12 15.21 18.39
N THR B 184 -1.19 15.06 18.30
CA THR B 184 -2.00 14.56 19.40
C THR B 184 -1.91 13.04 19.45
N GLY B 185 -2.18 12.51 20.64
CA GLY B 185 -2.46 11.09 20.83
C GLY B 185 -3.96 10.95 20.93
N PRO B 186 -4.45 10.24 21.97
CA PRO B 186 -5.91 10.06 22.10
C PRO B 186 -6.51 11.24 22.84
N ASP B 187 -7.79 11.15 23.21
CA ASP B 187 -8.37 12.15 24.10
C ASP B 187 -7.44 12.30 25.30
N GLY B 188 -7.20 13.52 25.75
CA GLY B 188 -6.24 13.73 26.83
C GLY B 188 -5.83 15.18 26.99
N ILE B 189 -4.90 15.41 27.92
CA ILE B 189 -4.43 16.76 28.18
C ILE B 189 -3.02 16.91 27.62
N TYR B 190 -2.80 18.02 26.90
CA TYR B 190 -1.56 18.26 26.17
C TYR B 190 -1.06 19.65 26.46
N PHE B 191 0.21 19.88 26.21
CA PHE B 191 0.82 21.18 26.45
C PHE B 191 1.72 21.56 25.28
N ILE B 192 1.61 22.82 24.86
CA ILE B 192 2.47 23.39 23.84
C ILE B 192 2.93 24.81 24.25
N ALA B 193 4.23 25.08 24.12
CA ALA B 193 4.75 26.41 24.39
C ALA B 193 4.55 27.29 23.15
N SER B 194 3.28 27.54 22.85
CA SER B 194 2.86 28.20 21.61
C SER B 194 3.19 29.68 21.62
N ASP B 195 3.32 30.26 20.44
CA ASP B 195 3.71 31.66 20.27
C ASP B 195 2.82 32.53 21.19
N GLY B 196 3.45 33.38 22.00
CA GLY B 196 2.70 34.21 22.97
C GLY B 196 3.04 33.79 24.38
N GLY B 197 3.27 32.49 24.59
CA GLY B 197 3.60 31.99 25.92
C GLY B 197 3.43 30.50 25.97
N TRP B 198 2.23 30.04 26.30
CA TRP B 198 1.96 28.61 26.27
C TRP B 198 0.46 28.36 26.34
N LEU B 199 0.10 27.15 25.96
CA LEU B 199 -1.29 26.69 25.95
C LEU B 199 -1.36 25.26 26.46
N ARG B 200 -2.20 25.05 27.49
CA ARG B 200 -2.51 23.74 27.96
C ARG B 200 -3.91 23.44 27.46
N PHE B 201 -4.04 22.38 26.65
CA PHE B 201 -5.28 22.06 25.97
C PHE B 201 -5.73 20.61 26.11
N GLN B 202 -7.02 20.39 25.92
CA GLN B 202 -7.60 19.06 26.07
C GLN B 202 -8.30 18.63 24.78
N ILE B 203 -8.00 17.41 24.34
CA ILE B 203 -8.75 16.78 23.25
C ILE B 203 -9.76 15.91 23.96
N HIS B 204 -11.04 16.05 23.62
CA HIS B 204 -12.06 15.24 24.29
C HIS B 204 -13.12 14.86 23.29
N SER B 205 -14.11 14.08 23.74
CA SER B 205 -15.25 13.66 22.90
C SER B 205 -14.79 12.90 21.66
N ASN B 206 -13.91 11.90 21.87
CA ASN B 206 -13.43 11.08 20.76
C ASN B 206 -12.83 11.93 19.63
N GLY B 207 -12.06 12.96 20.01
CA GLY B 207 -11.36 13.78 19.05
C GLY B 207 -12.11 14.99 18.50
N LEU B 208 -13.39 15.15 18.85
CA LEU B 208 -14.18 16.25 18.25
C LEU B 208 -14.19 17.48 19.15
N GLY B 209 -13.74 17.32 20.40
CA GLY B 209 -13.67 18.46 21.32
C GLY B 209 -12.26 18.99 21.54
N PHE B 210 -12.11 20.31 21.44
CA PHE B 210 -10.83 21.00 21.70
C PHE B 210 -11.04 22.09 22.74
N LYS B 211 -10.38 21.96 23.89
CA LYS B 211 -10.61 22.86 25.00
C LYS B 211 -9.32 23.51 25.45
N ASN B 212 -9.36 24.83 25.56
CA ASN B 212 -8.29 25.56 26.24
C ASN B 212 -8.45 25.39 27.75
N ILE B 213 -7.53 24.68 28.35
CA ILE B 213 -7.59 24.47 29.79
C ILE B 213 -7.07 25.78 30.41
N ALA B 214 -5.87 26.20 30.00
CA ALA B 214 -5.23 27.43 30.50
C ALA B 214 -4.24 27.86 29.43
N ASP B 215 -3.97 29.16 29.34
CA ASP B 215 -2.94 29.68 28.45
C ASP B 215 -2.29 30.90 29.10
N SER B 216 -1.07 31.19 28.67
CA SER B 216 -0.42 32.43 29.03
C SER B 216 -0.22 33.21 27.74
N ARG B 217 -1.05 34.24 27.58
CA ARG B 217 -1.04 35.14 26.42
C ARG B 217 -0.93 34.37 25.09
N SER B 218 -1.57 33.21 25.01
CA SER B 218 -1.51 32.40 23.81
C SER B 218 -2.88 31.77 23.53
N VAL B 219 -3.82 32.59 23.04
CA VAL B 219 -5.20 32.13 22.85
C VAL B 219 -5.37 31.60 21.43
N PRO B 220 -5.84 30.35 21.29
CA PRO B 220 -6.04 29.77 19.97
C PRO B 220 -7.14 30.47 19.21
N ASN B 221 -6.86 30.75 17.95
CA ASN B 221 -7.83 31.34 17.01
C ASN B 221 -8.01 30.59 15.68
N ALA B 222 -7.18 29.60 15.43
CA ALA B 222 -7.35 28.72 14.25
C ALA B 222 -6.60 27.40 14.46
N ILE B 223 -7.14 26.35 13.88
CA ILE B 223 -6.52 25.03 13.90
C ILE B 223 -6.58 24.45 12.49
N MET B 224 -5.41 24.03 11.99
CA MET B 224 -5.30 23.27 10.74
C MET B 224 -4.98 21.81 11.09
N VAL B 225 -5.42 20.90 10.23
CA VAL B 225 -5.06 19.49 10.41
C VAL B 225 -4.48 18.98 9.08
N GLU B 226 -3.48 18.12 9.15
CA GLU B 226 -2.96 17.52 7.96
C GLU B 226 -3.97 16.51 7.41
N ASN B 227 -4.24 16.61 6.10
CA ASN B 227 -5.24 15.75 5.46
C ASN B 227 -4.87 14.29 5.51
N GLU B 228 -5.89 13.47 5.73
CA GLU B 228 -5.72 12.03 5.70
C GLU B 228 -6.22 11.48 4.37
N HIS C 47 -13.09 -25.04 -41.07
CA HIS C 47 -12.43 -24.01 -40.21
C HIS C 47 -12.83 -24.16 -38.71
N VAL C 48 -13.80 -25.04 -38.46
CA VAL C 48 -14.38 -25.25 -37.15
C VAL C 48 -14.49 -26.76 -36.87
N LEU C 49 -14.09 -27.21 -35.67
CA LEU C 49 -14.48 -28.52 -35.17
C LEU C 49 -15.81 -28.30 -34.42
N GLN C 50 -16.90 -28.84 -34.96
CA GLN C 50 -18.23 -28.50 -34.44
C GLN C 50 -18.70 -29.56 -33.51
N LEU C 51 -18.88 -29.18 -32.25
CA LEU C 51 -19.44 -30.04 -31.25
C LEU C 51 -20.89 -29.60 -31.10
N GLU C 52 -21.82 -30.56 -31.12
CA GLU C 52 -23.24 -30.23 -30.96
C GLU C 52 -23.88 -31.07 -29.89
N SER C 53 -24.68 -30.45 -29.02
CA SER C 53 -25.41 -31.19 -27.98
C SER C 53 -26.87 -30.70 -27.97
N ALA C 54 -27.72 -31.42 -27.22
CA ALA C 54 -29.04 -30.91 -26.91
C ALA C 54 -28.87 -29.67 -25.99
N SER C 55 -29.87 -28.79 -26.00
CA SER C 55 -29.88 -27.61 -25.15
C SER C 55 -29.60 -27.96 -23.70
N ASP C 56 -28.72 -27.18 -23.07
CA ASP C 56 -28.37 -27.35 -21.65
C ASP C 56 -27.81 -28.70 -21.24
N LYS C 57 -27.21 -29.42 -22.19
CA LYS C 57 -26.53 -30.66 -21.86
C LYS C 57 -25.02 -30.39 -21.91
N ALA C 58 -24.26 -31.05 -21.04
CA ALA C 58 -22.80 -30.94 -21.02
C ALA C 58 -22.21 -31.29 -22.38
N HIS C 59 -21.16 -30.59 -22.75
CA HIS C 59 -20.36 -31.09 -23.87
C HIS C 59 -18.91 -30.74 -23.59
N TYR C 60 -18.05 -31.75 -23.52
CA TYR C 60 -16.64 -31.49 -23.27
C TYR C 60 -15.75 -32.49 -23.98
N ILE C 61 -14.45 -32.19 -23.95
CA ILE C 61 -13.39 -33.03 -24.50
C ILE C 61 -12.63 -33.62 -23.31
N LEU C 62 -12.50 -34.94 -23.28
CA LEU C 62 -11.89 -35.62 -22.14
C LEU C 62 -10.68 -36.41 -22.61
N SER C 63 -9.55 -36.22 -21.92
CA SER C 63 -8.35 -37.00 -22.14
C SER C 63 -8.13 -37.99 -21.01
N LYS C 64 -7.91 -39.26 -21.38
CA LYS C 64 -7.60 -40.34 -20.42
C LYS C 64 -6.27 -40.97 -20.81
N ASP C 65 -5.37 -41.14 -19.82
CA ASP C 65 -4.14 -41.84 -20.10
C ASP C 65 -4.27 -43.22 -19.46
N GLY C 66 -4.18 -44.27 -20.29
CA GLY C 66 -4.60 -45.59 -19.85
C GLY C 66 -6.05 -45.44 -19.40
N ASN C 67 -6.36 -45.87 -18.18
CA ASN C 67 -7.74 -45.80 -17.71
C ASN C 67 -7.96 -44.60 -16.80
N ARG C 68 -6.99 -43.68 -16.77
CA ARG C 68 -7.07 -42.56 -15.83
C ARG C 68 -7.64 -41.28 -16.48
N ASN C 69 -8.70 -40.71 -15.89
CA ASN C 69 -9.13 -39.37 -16.31
C ASN C 69 -7.98 -38.42 -16.03
N ASN C 70 -7.56 -37.70 -17.05
CA ASN C 70 -6.38 -36.88 -16.95
C ASN C 70 -6.69 -35.39 -17.02
N TRP C 71 -7.37 -34.96 -18.08
CA TRP C 71 -7.80 -33.56 -18.15
C TRP C 71 -9.05 -33.42 -19.01
N TYR C 72 -9.75 -32.31 -18.87
CA TYR C 72 -10.87 -32.02 -19.78
C TYR C 72 -10.96 -30.56 -20.09
N ILE C 73 -11.61 -30.27 -21.21
CA ILE C 73 -11.97 -28.89 -21.50
C ILE C 73 -13.40 -28.83 -22.00
N GLY C 74 -14.15 -27.87 -21.49
CA GLY C 74 -15.43 -27.54 -22.08
C GLY C 74 -16.49 -27.31 -21.03
N ARG C 75 -17.73 -27.63 -21.40
CA ARG C 75 -18.88 -27.39 -20.54
C ARG C 75 -19.16 -28.70 -19.84
N GLY C 76 -18.70 -28.77 -18.59
CA GLY C 76 -18.56 -30.05 -17.89
C GLY C 76 -19.84 -30.65 -17.30
N SER C 77 -20.88 -29.83 -17.17
CA SER C 77 -22.09 -30.27 -16.48
C SER C 77 -23.31 -29.77 -17.22
N ASP C 78 -24.40 -30.56 -17.11
CA ASP C 78 -25.73 -30.18 -17.64
C ASP C 78 -26.23 -28.97 -16.91
N ASN C 79 -27.04 -28.16 -17.59
CA ASN C 79 -27.69 -26.99 -16.99
C ASN C 79 -26.74 -26.02 -16.28
N ASN C 80 -25.61 -25.76 -16.91
CA ASN C 80 -24.56 -24.98 -16.29
C ASN C 80 -23.68 -24.63 -17.45
N ASN C 81 -23.48 -23.33 -17.67
CA ASN C 81 -22.74 -22.86 -18.83
C ASN C 81 -21.29 -22.49 -18.53
N ASP C 82 -20.84 -22.81 -17.32
CA ASP C 82 -19.47 -22.60 -16.92
C ASP C 82 -18.61 -23.51 -17.81
N CYS C 83 -17.51 -22.97 -18.30
CA CYS C 83 -16.58 -23.70 -19.16
C CYS C 83 -15.25 -23.80 -18.43
N THR C 84 -14.69 -24.99 -18.41
CA THR C 84 -13.58 -25.31 -17.51
C THR C 84 -12.44 -25.92 -18.31
N PHE C 85 -11.22 -25.63 -17.90
CA PHE C 85 -10.04 -26.34 -18.36
C PHE C 85 -9.46 -26.95 -17.08
N HIS C 86 -9.43 -28.27 -17.00
CA HIS C 86 -9.19 -28.93 -15.69
C HIS C 86 -8.23 -30.10 -15.79
N SER C 87 -7.29 -30.19 -14.84
CA SER C 87 -6.48 -31.39 -14.66
C SER C 87 -7.03 -32.20 -13.52
N TYR C 88 -7.46 -33.43 -13.81
CA TYR C 88 -7.97 -34.31 -12.78
C TYR C 88 -6.84 -34.79 -11.88
N VAL C 89 -5.66 -34.98 -12.44
CA VAL C 89 -4.51 -35.50 -11.69
C VAL C 89 -3.97 -34.47 -10.69
N HIS C 90 -3.82 -33.22 -11.16
CA HIS C 90 -3.30 -32.13 -10.35
C HIS C 90 -4.41 -31.52 -9.49
N GLY C 91 -5.65 -31.59 -9.98
CA GLY C 91 -6.80 -30.98 -9.30
C GLY C 91 -6.69 -29.47 -9.42
N THR C 92 -6.16 -28.99 -10.55
CA THR C 92 -5.90 -27.59 -10.75
C THR C 92 -6.75 -27.21 -11.97
N THR C 93 -7.41 -26.06 -11.87
CA THR C 93 -8.54 -25.73 -12.73
C THR C 93 -8.56 -24.26 -13.07
N LEU C 94 -8.97 -23.98 -14.31
CA LEU C 94 -9.40 -22.65 -14.74
C LEU C 94 -10.86 -22.72 -15.16
N THR C 95 -11.70 -21.81 -14.65
CA THR C 95 -13.10 -21.82 -15.04
C THR C 95 -13.53 -20.46 -15.55
N LEU C 96 -14.31 -20.45 -16.61
CA LEU C 96 -14.94 -19.25 -17.08
C LEU C 96 -16.36 -19.22 -16.56
N LYS C 97 -16.66 -18.24 -15.72
CA LYS C 97 -18.00 -18.18 -15.11
C LYS C 97 -18.77 -16.95 -15.59
N GLN C 98 -20.01 -16.76 -15.12
CA GLN C 98 -20.82 -15.62 -15.58
C GLN C 98 -20.14 -14.26 -15.45
N ASP C 99 -19.57 -13.97 -14.28
CA ASP C 99 -19.09 -12.61 -13.98
C ASP C 99 -17.60 -12.51 -13.72
N TYR C 100 -16.91 -13.65 -13.79
CA TYR C 100 -15.46 -13.66 -13.57
C TYR C 100 -14.84 -14.96 -14.13
N ALA C 101 -13.53 -14.94 -14.26
CA ALA C 101 -12.76 -16.15 -14.55
C ALA C 101 -12.00 -16.48 -13.27
N VAL C 102 -11.70 -17.75 -13.07
CA VAL C 102 -11.16 -18.17 -11.78
C VAL C 102 -10.21 -19.35 -11.89
N VAL C 103 -9.11 -19.28 -11.14
CA VAL C 103 -8.26 -20.45 -10.94
C VAL C 103 -8.33 -20.85 -9.47
N ASN C 104 -8.17 -22.14 -9.21
CA ASN C 104 -8.49 -22.67 -7.89
C ASN C 104 -7.27 -22.77 -6.97
N LYS C 105 -6.10 -22.33 -7.44
CA LYS C 105 -4.87 -22.38 -6.65
C LYS C 105 -4.08 -21.11 -6.92
N HIS C 106 -2.95 -20.93 -6.22
CA HIS C 106 -2.09 -19.74 -6.44
C HIS C 106 -1.74 -19.59 -7.94
N PHE C 107 -1.56 -18.35 -8.36
CA PHE C 107 -1.50 -18.02 -9.78
C PHE C 107 -0.21 -17.29 -10.03
N HIS C 108 0.64 -17.85 -10.88
CA HIS C 108 1.94 -17.23 -11.14
C HIS C 108 1.86 -16.45 -12.43
N VAL C 109 2.62 -15.34 -12.47
CA VAL C 109 2.68 -14.49 -13.63
C VAL C 109 4.19 -14.37 -13.87
N GLY C 110 4.71 -15.18 -14.81
CA GLY C 110 6.16 -15.40 -14.91
C GLY C 110 6.56 -16.11 -13.64
N GLN C 111 7.36 -15.45 -12.81
CA GLN C 111 7.73 -16.01 -11.50
C GLN C 111 7.01 -15.30 -10.37
N ALA C 112 6.34 -14.19 -10.67
CA ALA C 112 5.59 -13.48 -9.62
C ALA C 112 4.42 -14.37 -9.21
N VAL C 113 3.91 -14.16 -7.98
CA VAL C 113 2.85 -15.02 -7.45
C VAL C 113 1.71 -14.20 -6.88
N VAL C 114 0.50 -14.50 -7.31
CA VAL C 114 -0.69 -13.99 -6.67
C VAL C 114 -1.26 -15.14 -5.88
N ALA C 115 -1.23 -15.01 -4.56
CA ALA C 115 -1.69 -16.07 -3.69
C ALA C 115 -3.21 -16.05 -3.50
N THR C 116 -3.75 -17.21 -3.10
CA THR C 116 -5.18 -17.32 -2.82
C THR C 116 -5.66 -16.46 -1.64
N ASP C 117 -4.73 -15.86 -0.87
CA ASP C 117 -5.14 -14.93 0.20
C ASP C 117 -5.07 -13.48 -0.29
N GLY C 118 -4.65 -13.28 -1.54
CA GLY C 118 -4.57 -11.96 -2.14
C GLY C 118 -3.21 -11.30 -1.99
N ASN C 119 -2.27 -11.96 -1.29
CA ASN C 119 -0.91 -11.45 -1.18
C ASN C 119 -0.21 -11.62 -2.51
N ILE C 120 0.81 -10.81 -2.76
CA ILE C 120 1.55 -10.91 -4.01
C ILE C 120 3.03 -10.93 -3.74
N GLN C 121 3.74 -11.82 -4.45
CA GLN C 121 5.20 -11.89 -4.32
C GLN C 121 5.84 -11.58 -5.67
N GLY C 122 6.94 -10.81 -5.66
CA GLY C 122 7.61 -10.48 -6.90
C GLY C 122 8.89 -9.72 -6.67
N THR C 123 9.69 -9.64 -7.73
CA THR C 123 10.93 -8.88 -7.67
C THR C 123 10.70 -7.39 -7.41
N LYS C 124 9.54 -6.86 -7.80
CA LYS C 124 9.31 -5.44 -7.59
C LYS C 124 9.25 -5.11 -6.07
N TRP C 125 8.84 -6.11 -5.28
CA TRP C 125 8.71 -5.97 -3.83
C TRP C 125 9.97 -6.49 -3.12
N GLY C 126 11.08 -6.52 -3.85
CA GLY C 126 12.35 -7.04 -3.35
C GLY C 126 12.35 -8.54 -3.07
N GLY C 127 11.47 -9.28 -3.73
CA GLY C 127 11.30 -10.72 -3.42
C GLY C 127 10.47 -10.99 -2.18
N LYS C 128 10.09 -9.93 -1.45
CA LYS C 128 9.17 -10.08 -0.32
C LYS C 128 7.75 -10.28 -0.83
N TRP C 129 6.87 -10.73 0.06
CA TRP C 129 5.43 -10.63 -0.17
C TRP C 129 5.03 -9.19 0.09
N LEU C 130 3.99 -8.74 -0.61
CA LEU C 130 3.55 -7.36 -0.55
C LEU C 130 3.17 -6.96 0.86
N ASP C 131 2.51 -7.85 1.61
CA ASP C 131 2.11 -7.47 2.99
C ASP C 131 3.36 -7.02 3.80
N ALA C 132 4.49 -7.71 3.60
CA ALA C 132 5.72 -7.40 4.33
C ALA C 132 6.45 -6.16 3.76
N TYR C 133 6.54 -6.07 2.43
CA TYR C 133 6.97 -4.83 1.80
C TYR C 133 6.25 -3.60 2.37
N LEU C 134 4.92 -3.64 2.41
CA LEU C 134 4.13 -2.53 2.93
C LEU C 134 4.47 -2.22 4.37
N ARG C 135 4.43 -3.25 5.22
CA ARG C 135 4.74 -3.08 6.65
C ARG C 135 6.12 -2.45 6.86
N ASP C 136 7.10 -2.93 6.10
CA ASP C 136 8.47 -2.44 6.22
C ASP C 136 8.67 -1.03 5.65
N SER C 137 7.87 -0.67 4.65
CA SER C 137 8.11 0.55 3.87
C SER C 137 7.42 1.83 4.35
N PHE C 138 6.24 1.69 4.96
CA PHE C 138 5.40 2.83 5.25
C PHE C 138 5.06 2.96 6.72
N VAL C 139 4.89 4.23 7.15
CA VAL C 139 4.47 4.50 8.52
C VAL C 139 3.04 4.01 8.74
N ALA C 140 2.86 3.24 9.81
CA ALA C 140 1.56 2.67 10.21
C ALA C 140 0.63 3.71 10.82
N LYS C 141 -0.60 3.74 10.32
CA LYS C 141 -1.67 4.60 10.85
C LYS C 141 -2.35 3.80 11.96
N SER C 142 -1.63 3.60 13.07
CA SER C 142 -2.09 2.77 14.16
C SER C 142 -3.10 3.48 15.07
N LYS C 143 -3.04 4.83 15.11
CA LYS C 143 -3.84 5.63 16.04
C LYS C 143 -3.92 4.96 17.44
N ALA C 144 -2.76 4.56 17.95
CA ALA C 144 -2.71 3.93 19.26
C ALA C 144 -1.30 4.13 19.81
N TRP C 145 -1.20 4.14 21.13
CA TRP C 145 0.09 4.38 21.78
C TRP C 145 0.32 3.39 22.92
N THR C 146 1.56 3.33 23.39
CA THR C 146 1.95 2.35 24.42
C THR C 146 2.94 3.05 25.35
N GLN C 147 2.81 2.81 26.65
CA GLN C 147 3.77 3.40 27.58
C GLN C 147 5.07 2.62 27.53
N VAL C 148 6.20 3.32 27.41
CA VAL C 148 7.51 2.66 27.32
C VAL C 148 8.36 2.88 28.57
N TRP C 149 7.95 3.82 29.42
CA TRP C 149 8.64 4.06 30.69
C TRP C 149 7.77 4.87 31.64
N SER C 150 7.96 4.64 32.93
CA SER C 150 7.24 5.36 33.96
C SER C 150 8.20 5.47 35.16
N GLY C 151 8.27 6.64 35.80
CA GLY C 151 9.16 6.81 36.95
C GLY C 151 9.38 8.25 37.26
N SER C 152 10.63 8.62 37.57
CA SER C 152 10.94 10.03 37.73
C SER C 152 12.38 10.20 37.32
N ALA C 153 12.65 11.01 36.30
CA ALA C 153 14.03 11.15 35.84
C ALA C 153 14.44 12.60 35.98
N GLY C 154 15.00 12.92 37.15
CA GLY C 154 15.47 14.27 37.42
C GLY C 154 16.69 14.60 36.58
N GLY C 155 17.19 15.81 36.70
CA GLY C 155 18.32 16.24 35.85
C GLY C 155 19.54 15.36 36.04
N GLY C 156 20.00 14.74 34.96
CA GLY C 156 21.13 13.83 34.95
C GLY C 156 20.77 12.35 34.99
N VAL C 157 19.53 12.06 35.37
CA VAL C 157 19.09 10.65 35.48
C VAL C 157 18.85 9.99 34.10
N SER C 158 19.41 8.80 33.92
CA SER C 158 19.22 8.01 32.72
C SER C 158 18.38 6.78 33.07
N VAL C 159 17.47 6.42 32.16
CA VAL C 159 16.63 5.24 32.38
C VAL C 159 16.59 4.36 31.15
N THR C 160 16.16 3.12 31.35
CA THR C 160 15.94 2.20 30.23
C THR C 160 14.49 2.25 29.79
N VAL C 161 14.26 2.32 28.49
CA VAL C 161 12.91 2.32 27.93
C VAL C 161 12.68 0.99 27.23
N SER C 162 11.41 0.62 27.14
CA SER C 162 11.01 -0.73 26.64
C SER C 162 11.00 -0.93 25.12
N GLN C 163 11.23 0.15 24.35
CA GLN C 163 11.28 0.06 22.88
C GLN C 163 12.37 0.99 22.34
N ASP C 164 12.82 0.75 21.11
CA ASP C 164 13.82 1.61 20.47
C ASP C 164 13.10 2.92 20.08
N LEU C 165 13.49 4.05 20.73
CA LEU C 165 12.75 5.32 20.55
C LEU C 165 13.29 6.20 19.44
N ARG C 166 14.13 5.64 18.58
CA ARG C 166 14.69 6.40 17.48
C ARG C 166 13.66 6.53 16.37
N PHE C 167 13.56 7.72 15.77
CA PHE C 167 12.54 8.01 14.75
C PHE C 167 11.16 7.51 15.12
N ARG C 168 10.67 7.94 16.29
CA ARG C 168 9.38 7.52 16.82
C ARG C 168 8.65 8.77 17.21
N ASN C 169 7.31 8.71 17.22
CA ASN C 169 6.47 9.77 17.81
C ASN C 169 6.31 9.45 19.30
N ILE C 170 6.71 10.37 20.18
CA ILE C 170 6.66 10.15 21.63
C ILE C 170 5.88 11.30 22.29
N TRP C 171 5.35 11.03 23.45
CA TRP C 171 4.78 12.08 24.31
C TRP C 171 5.43 11.89 25.69
N ILE C 172 5.95 12.97 26.24
CA ILE C 172 6.63 12.93 27.53
C ILE C 172 5.72 13.68 28.49
N LYS C 173 5.42 13.05 29.64
CA LYS C 173 4.69 13.77 30.67
C LYS C 173 5.65 14.28 31.73
N CYS C 174 5.60 15.59 31.99
CA CYS C 174 6.41 16.25 33.01
C CYS C 174 5.45 16.88 34.02
N ALA C 175 5.43 18.20 34.14
CA ALA C 175 4.61 18.89 35.13
C ALA C 175 3.17 18.99 34.69
N ASN C 176 2.26 19.11 35.67
CA ASN C 176 0.88 19.48 35.37
C ASN C 176 0.06 18.47 34.57
N ASN C 177 0.47 17.20 34.66
CA ASN C 177 -0.30 16.07 34.15
C ASN C 177 -0.64 16.18 32.63
N SER C 178 0.22 16.80 31.84
CA SER C 178 -0.07 16.94 30.41
C SER C 178 0.99 16.18 29.60
N TRP C 179 0.66 15.87 28.36
CA TRP C 179 1.62 15.22 27.46
C TRP C 179 2.25 16.25 26.50
N ASN C 180 3.57 16.18 26.37
CA ASN C 180 4.32 17.09 25.49
C ASN C 180 4.79 16.24 24.33
N PHE C 181 4.39 16.60 23.11
CA PHE C 181 4.81 15.82 21.92
C PHE C 181 6.26 16.02 21.46
N PHE C 182 6.90 14.95 20.99
CA PHE C 182 8.16 15.12 20.31
C PHE C 182 8.35 14.02 19.29
N ARG C 183 8.96 14.33 18.15
CA ARG C 183 9.41 13.24 17.29
C ARG C 183 10.93 13.16 17.24
N THR C 184 11.46 11.99 17.58
CA THR C 184 12.91 11.85 17.71
C THR C 184 13.52 11.52 16.35
N GLY C 185 14.83 11.75 16.22
CA GLY C 185 15.59 11.20 15.11
C GLY C 185 16.40 10.04 15.67
N PRO C 186 17.71 9.99 15.38
CA PRO C 186 18.59 8.91 15.85
C PRO C 186 18.97 9.13 17.32
N ASP C 187 19.88 8.29 17.86
CA ASP C 187 20.45 8.61 19.17
C ASP C 187 20.96 10.06 19.09
N GLY C 188 20.76 10.85 20.13
CA GLY C 188 21.25 12.24 20.14
C GLY C 188 20.62 13.10 21.19
N ILE C 189 20.82 14.41 21.10
CA ILE C 189 20.38 15.39 22.11
C ILE C 189 19.24 16.22 21.55
N TYR C 190 18.17 16.34 22.34
CA TYR C 190 16.92 16.93 21.89
C TYR C 190 16.46 17.89 22.95
N PHE C 191 15.65 18.85 22.55
CA PHE C 191 15.07 19.79 23.51
C PHE C 191 13.60 20.03 23.25
N ILE C 192 12.85 20.13 24.34
CA ILE C 192 11.43 20.42 24.27
C ILE C 192 11.07 21.34 25.43
N ALA C 193 10.34 22.41 25.09
CA ALA C 193 9.82 23.34 26.11
C ALA C 193 8.58 22.74 26.77
N SER C 194 8.79 21.64 27.49
CA SER C 194 7.72 20.85 28.06
C SER C 194 7.05 21.56 29.27
N ASP C 195 5.82 21.15 29.59
CA ASP C 195 5.02 21.76 30.66
C ASP C 195 5.87 21.82 31.92
N GLY C 196 5.96 23.02 32.47
CA GLY C 196 6.74 23.31 33.65
C GLY C 196 7.92 24.21 33.35
N GLY C 197 8.50 24.03 32.18
CA GLY C 197 9.63 24.90 31.80
C GLY C 197 10.26 24.38 30.54
N TRP C 198 11.22 23.47 30.70
CA TRP C 198 11.82 22.85 29.51
C TRP C 198 12.60 21.63 29.94
N LEU C 199 12.94 20.78 28.96
CA LEU C 199 13.65 19.53 29.17
C LEU C 199 14.65 19.37 28.02
N ARG C 200 15.91 19.21 28.36
CA ARG C 200 16.91 18.80 27.37
C ARG C 200 17.15 17.34 27.64
N PHE C 201 16.93 16.49 26.63
CA PHE C 201 16.99 15.04 26.84
C PHE C 201 17.86 14.33 25.79
N GLN C 202 18.30 13.13 26.13
CA GLN C 202 19.19 12.38 25.25
C GLN C 202 18.59 11.00 25.00
N ILE C 203 18.52 10.62 23.72
CA ILE C 203 18.23 9.26 23.31
C ILE C 203 19.57 8.60 23.07
N HIS C 204 19.81 7.48 23.74
CA HIS C 204 21.08 6.79 23.64
C HIS C 204 20.89 5.27 23.66
N SER C 205 21.99 4.53 23.52
CA SER C 205 21.97 3.07 23.55
C SER C 205 21.06 2.49 22.48
N ASN C 206 21.24 2.96 21.25
CA ASN C 206 20.39 2.49 20.12
C ASN C 206 18.90 2.57 20.43
N GLY C 207 18.51 3.74 20.97
CA GLY C 207 17.11 4.07 21.27
C GLY C 207 16.53 3.49 22.53
N LEU C 208 17.32 2.67 23.25
CA LEU C 208 16.86 2.02 24.50
C LEU C 208 17.13 2.77 25.80
N GLY C 209 17.80 3.91 25.68
CA GLY C 209 18.16 4.72 26.82
C GLY C 209 17.54 6.10 26.66
N PHE C 210 17.04 6.64 27.76
CA PHE C 210 16.50 8.01 27.79
C PHE C 210 17.12 8.71 28.98
N LYS C 211 17.78 9.85 28.76
CA LYS C 211 18.43 10.60 29.83
C LYS C 211 17.93 12.05 29.88
N ASN C 212 17.61 12.48 31.09
CA ASN C 212 17.35 13.90 31.31
C ASN C 212 18.70 14.56 31.47
N ILE C 213 19.12 15.33 30.46
CA ILE C 213 20.38 16.08 30.54
C ILE C 213 20.23 17.21 31.55
N ALA C 214 19.17 18.00 31.35
CA ALA C 214 18.84 19.08 32.28
C ALA C 214 17.39 19.44 32.07
N ASP C 215 16.74 19.94 33.11
CA ASP C 215 15.39 20.45 32.94
C ASP C 215 15.22 21.67 33.82
N SER C 216 14.25 22.52 33.48
CA SER C 216 13.84 23.57 34.38
C SER C 216 12.41 23.30 34.80
N ARG C 217 12.23 22.87 36.04
CA ARG C 217 10.90 22.52 36.59
C ARG C 217 10.04 21.64 35.66
N SER C 218 10.69 20.69 34.96
CA SER C 218 9.96 19.85 34.06
C SER C 218 10.59 18.46 34.05
N VAL C 219 10.33 17.71 35.11
CA VAL C 219 10.89 16.37 35.29
C VAL C 219 10.01 15.29 34.64
N PRO C 220 10.59 14.48 33.72
CA PRO C 220 9.74 13.43 33.10
C PRO C 220 9.33 12.33 34.09
N ASN C 221 8.09 11.87 33.97
CA ASN C 221 7.58 10.76 34.74
C ASN C 221 6.91 9.66 33.94
N ALA C 222 6.66 9.90 32.63
CA ALA C 222 6.06 8.88 31.76
C ALA C 222 6.35 9.21 30.31
N ILE C 223 6.54 8.19 29.48
CA ILE C 223 6.76 8.35 28.04
C ILE C 223 5.85 7.37 27.31
N MET C 224 5.08 7.89 26.36
CA MET C 224 4.29 7.04 25.46
C MET C 224 4.95 7.07 24.11
N VAL C 225 4.80 5.98 23.37
CA VAL C 225 5.26 5.94 21.97
C VAL C 225 4.10 5.55 21.06
N GLU C 226 4.03 6.14 19.87
CA GLU C 226 3.01 5.73 18.89
C GLU C 226 3.33 4.34 18.34
N ASN C 227 2.33 3.46 18.37
CA ASN C 227 2.48 2.08 17.93
C ASN C 227 2.90 1.98 16.46
N GLU C 228 3.78 1.01 16.20
CA GLU C 228 4.19 0.72 14.85
C GLU C 228 3.48 -0.52 14.29
CAA TMO D . 5.19 -31.13 -28.14
NAC TMO D . 4.48 -29.97 -27.58
CAD TMO D . 4.98 -29.70 -26.22
CAB TMO D . 4.73 -28.81 -28.42
OAE TMO D . 3.06 -30.28 -27.44
CAA TMO E . -14.95 -17.85 -33.18
NAC TMO E . -15.62 -16.57 -33.47
CAD TMO E . -14.65 -15.48 -33.28
CAB TMO E . -16.12 -16.53 -34.84
OAE TMO E . -16.74 -16.42 -32.56
C TRS F . 4.45 11.40 10.77
C1 TRS F . 5.92 11.01 10.80
C2 TRS F . 3.60 10.16 11.09
C3 TRS F . 4.21 12.04 9.39
N TRS F . 4.28 12.36 11.86
O1 TRS F . 6.24 9.94 9.95
O2 TRS F . 2.22 10.42 11.29
O3 TRS F . 2.86 12.20 9.02
CAA TMO G . -17.82 -34.75 -15.76
NAC TMO G . -16.77 -33.71 -15.60
CAD TMO G . -16.29 -33.31 -16.92
CAB TMO G . -17.33 -32.57 -14.86
OAE TMO G . -15.65 -34.28 -14.84
OH2 1PE H . 26.34 12.60 33.35
C12 1PE H . 26.10 12.36 34.75
C22 1PE H . 24.89 11.45 34.92
OH3 1PE H . 25.14 10.18 34.29
C13 1PE H . 24.20 8.00 33.76
C23 1PE H . 24.02 9.31 34.50
OH4 1PE H . 24.09 8.29 32.37
C14 1PE H . 23.82 7.50 30.10
C24 1PE H . 24.30 7.16 31.51
OH5 1PE H . 24.67 8.46 29.44
C15 1PE H . 25.97 7.38 27.66
C25 1PE H . 24.74 8.22 28.02
#